data_3C0X
#
_entry.id   3C0X
#
_cell.length_a   80.680
_cell.length_b   80.680
_cell.length_c   128.320
_cell.angle_alpha   90.00
_cell.angle_beta   90.00
_cell.angle_gamma   90.00
#
_symmetry.space_group_name_H-M   'P 41 21 2'
#
loop_
_entity.id
_entity.type
_entity.pdbx_description
1 polymer "DNA (5'-D(*DC*DAP*DCP*DGP*DCP*DTP*DAP*DGP*DGP*DGP*DAP*DTP*DAP*DA)-3')"
2 polymer "DNA (5'-D(P*DCP*DAP*DGP*DGP*DGP*DTP*DAP*DAP*DTP*DAP*DC)-3')"
3 polymer "DNA (5'-D(*DG*DGP*DTP*DAP*DTP*DTP*DAP*DCP*DCP*DCP*DTP*DGP*DTP*DTP*DAP*DTP*DCP*DCP*DCP*DTP*DAP*DGP*DCP*DGP*DT)-3')"
4 polymer 'Intron-encoded endonuclease I-SceI'
5 non-polymer 'CALCIUM ION'
6 water water
#
loop_
_entity_poly.entity_id
_entity_poly.type
_entity_poly.pdbx_seq_one_letter_code
_entity_poly.pdbx_strand_id
1 'polydeoxyribonucleotide' (DC)(DA)(DC)(DG)(DC)(DT)(DA)(DG)(DG)(DG)(DA)(DT)(DA)(DA) B
2 'polydeoxyribonucleotide' (DC)(DA)(DG)(DG)(DG)(DT)(DA)(DA)(DT)(DA)(DC) C
3 'polydeoxyribonucleotide'
;(DG)(DG)(DT)(DA)(DT)(DT)(DA)(DC)(DC)(DC)(DT)(DG)(DT)(DT)(DA)(DT)(DC)(DC)(DC)(DT)
(DA)(DG)(DC)(DG)(DT)
;
D
4 'polypeptide(L)'
;MKNIKKNQVMNLGPNSKLLKEYKSQLIELNIEQFEAGIGLILGDAYIRSRDEGKTYCMQFEWKNKAYMDHVCLLYDQWVL
SPPHKKERVNHLGNLVITWGAQTFKHQAFNKLANLFIVNNKKTIPNNLVENYLTPMSLAYWFMDDGGKWDYNKNSTNKSI
VLNTQSFTFEEVEYLVKGLRNKFQLNCYVKINKNKPIIYIDSMSYLIFYNLIKPYLIPQMMYKLPNTISSETFLK
;
A
#
# COMPACT_ATOMS: atom_id res chain seq x y z
N ASN D 3 29.26 12.78 -3.42
CA ASN D 3 27.78 12.68 -3.62
C ASN D 3 27.01 13.27 -2.44
N ILE D 4 25.96 14.02 -2.76
CA ILE D 4 25.10 14.66 -1.77
C ILE D 4 24.43 13.65 -0.84
N LYS D 5 24.53 13.91 0.46
CA LYS D 5 23.96 13.03 1.48
C LYS D 5 22.56 13.53 1.79
N LYS D 6 21.62 12.62 2.00
CA LYS D 6 20.24 12.99 2.32
C LYS D 6 20.17 14.02 3.45
N ASN D 7 21.04 13.82 4.44
CA ASN D 7 21.11 14.69 5.59
C ASN D 7 21.47 16.12 5.20
N GLN D 8 22.12 16.26 4.04
CA GLN D 8 22.52 17.58 3.56
C GLN D 8 21.38 18.39 2.99
N VAL D 9 20.31 17.74 2.54
CA VAL D 9 19.20 18.48 1.95
C VAL D 9 17.84 18.31 2.61
N MET D 10 17.76 17.54 3.68
CA MET D 10 16.47 17.32 4.33
C MET D 10 15.90 18.50 5.11
N ASN D 11 16.27 19.72 4.74
CA ASN D 11 15.77 20.92 5.43
C ASN D 11 15.71 22.13 4.51
N LEU D 12 16.17 21.96 3.27
CA LEU D 12 16.16 23.05 2.30
C LEU D 12 14.79 23.27 1.68
N GLY D 13 14.69 24.28 0.82
CA GLY D 13 13.45 24.58 0.15
C GLY D 13 13.20 23.60 -0.97
N PRO D 14 11.93 23.28 -1.26
CA PRO D 14 11.59 22.33 -2.32
C PRO D 14 12.25 22.61 -3.67
N ASN D 15 12.67 23.85 -3.89
CA ASN D 15 13.29 24.24 -5.15
C ASN D 15 14.81 24.35 -5.04
N SER D 16 15.36 23.98 -3.90
CA SER D 16 16.78 24.06 -3.64
C SER D 16 17.59 23.37 -4.73
N LYS D 17 18.76 23.96 -5.03
CA LYS D 17 19.67 23.44 -6.05
C LYS D 17 20.27 22.11 -5.59
N LEU D 18 20.66 22.07 -4.32
CA LEU D 18 21.24 20.87 -3.73
C LEU D 18 20.25 19.71 -3.73
N LEU D 19 18.99 20.04 -3.46
CA LEU D 19 17.95 19.02 -3.41
C LEU D 19 17.88 18.31 -4.77
N LYS D 20 17.60 19.08 -5.82
CA LYS D 20 17.49 18.49 -7.15
C LYS D 20 18.73 17.68 -7.51
N GLU D 21 19.91 18.17 -7.12
CA GLU D 21 21.14 17.44 -7.42
C GLU D 21 21.08 16.12 -6.68
N TYR D 22 20.53 16.15 -5.47
CA TYR D 22 20.40 14.93 -4.68
C TYR D 22 19.51 13.96 -5.44
N LYS D 23 18.31 14.43 -5.80
CA LYS D 23 17.35 13.60 -6.51
C LYS D 23 17.91 13.03 -7.80
N SER D 24 18.87 13.73 -8.42
CA SER D 24 19.46 13.24 -9.66
C SER D 24 20.43 12.09 -9.39
N GLN D 25 20.86 11.96 -8.13
CA GLN D 25 21.75 10.88 -7.73
C GLN D 25 20.96 9.58 -7.65
N LEU D 26 19.65 9.71 -7.47
CA LEU D 26 18.74 8.56 -7.37
C LEU D 26 18.20 8.24 -8.75
N ILE D 27 18.09 6.96 -9.06
CA ILE D 27 17.62 6.56 -10.39
C ILE D 27 16.35 5.72 -10.39
N GLU D 28 16.25 4.83 -9.43
CA GLU D 28 15.06 4.00 -9.35
C GLU D 28 14.87 3.38 -7.99
N LEU D 29 13.65 2.92 -7.75
CA LEU D 29 13.30 2.29 -6.49
C LEU D 29 13.98 0.93 -6.48
N ASN D 30 14.28 0.42 -5.30
CA ASN D 30 14.87 -0.89 -5.19
C ASN D 30 13.76 -1.94 -5.26
N ILE D 31 14.12 -3.21 -5.18
CA ILE D 31 13.16 -4.32 -5.26
C ILE D 31 12.11 -4.27 -4.16
N GLU D 32 12.50 -4.01 -2.92
CA GLU D 32 11.46 -3.91 -1.90
C GLU D 32 10.50 -2.81 -2.19
N GLN D 33 11.05 -1.62 -2.11
CA GLN D 33 10.27 -0.40 -2.33
C GLN D 33 9.28 -0.55 -3.45
N PHE D 34 9.66 -1.30 -4.49
CA PHE D 34 8.79 -1.51 -5.63
C PHE D 34 7.69 -2.54 -5.32
N GLU D 35 8.10 -3.71 -4.85
CA GLU D 35 7.16 -4.81 -4.53
C GLU D 35 6.17 -4.42 -3.44
N ALA D 36 6.65 -3.77 -2.39
CA ALA D 36 5.77 -3.33 -1.31
C ALA D 36 4.89 -2.22 -1.89
N GLY D 37 5.46 -1.46 -2.81
CA GLY D 37 4.73 -0.37 -3.42
C GLY D 37 3.41 -0.82 -4.01
N ILE D 38 3.43 -2.00 -4.64
CA ILE D 38 2.26 -2.58 -5.27
C ILE D 38 1.15 -2.79 -4.23
N GLY D 39 1.53 -3.35 -3.08
CA GLY D 39 0.56 -3.61 -2.04
C GLY D 39 0.01 -2.32 -1.49
N LEU D 40 0.88 -1.35 -1.29
CA LEU D 40 0.50 -0.06 -0.73
C LEU D 40 -0.46 0.70 -1.64
N ILE D 41 -0.25 0.61 -2.94
CA ILE D 41 -1.13 1.31 -3.85
C ILE D 41 -2.49 0.63 -3.87
N LEU D 42 -2.50 -0.69 -3.91
CA LEU D 42 -3.77 -1.42 -3.88
C LEU D 42 -4.40 -1.12 -2.54
N GLY D 43 -3.53 -0.87 -1.55
CA GLY D 43 -3.96 -0.61 -0.19
C GLY D 43 -4.37 0.80 0.20
N ASP D 44 -3.61 1.39 1.11
CA ASP D 44 -3.91 2.71 1.61
C ASP D 44 -3.05 3.83 1.06
N ALA D 45 -1.95 3.50 0.39
CA ALA D 45 -1.07 4.53 -0.15
C ALA D 45 -1.68 5.24 -1.33
N TYR D 46 -1.11 6.39 -1.67
CA TYR D 46 -1.60 7.19 -2.77
C TYR D 46 -0.43 7.66 -3.63
N ILE D 47 -0.44 7.29 -4.90
CA ILE D 47 0.62 7.67 -5.82
C ILE D 47 0.03 8.68 -6.80
N ARG D 48 0.50 9.93 -6.71
CA ARG D 48 -0.01 11.00 -7.56
C ARG D 48 1.03 11.70 -8.39
N SER D 49 0.56 12.37 -9.43
CA SER D 49 1.40 13.15 -10.33
C SER D 49 0.77 14.52 -10.49
N ARG D 50 1.56 15.57 -10.28
CA ARG D 50 1.10 16.96 -10.40
C ARG D 50 1.36 17.52 -11.80
N ASP D 51 2.26 16.88 -12.54
CA ASP D 51 2.53 17.29 -13.92
C ASP D 51 1.63 16.37 -14.74
N GLU D 52 2.05 15.96 -15.94
CA GLU D 52 1.20 15.08 -16.72
C GLU D 52 1.68 13.64 -16.66
N GLY D 53 2.65 13.39 -15.79
CA GLY D 53 3.17 12.05 -15.67
C GLY D 53 4.69 12.03 -15.67
N LYS D 54 5.30 13.21 -15.78
CA LYS D 54 6.76 13.29 -15.77
C LYS D 54 7.30 12.67 -14.48
N THR D 55 6.65 12.94 -13.36
CA THR D 55 7.07 12.40 -12.07
C THR D 55 5.90 12.08 -11.13
N TYR D 56 6.16 11.23 -10.15
CA TYR D 56 5.16 10.82 -9.18
C TYR D 56 5.75 10.77 -7.78
N CYS D 57 4.91 10.99 -6.77
CA CYS D 57 5.33 10.91 -5.37
C CYS D 57 4.31 10.01 -4.70
N MET D 58 4.55 9.62 -3.46
CA MET D 58 3.59 8.77 -2.76
C MET D 58 3.20 9.45 -1.47
N GLN D 59 1.91 9.54 -1.22
CA GLN D 59 1.42 10.15 0.00
C GLN D 59 0.89 9.09 0.95
N PHE D 60 1.29 9.19 2.22
CA PHE D 60 0.89 8.24 3.25
C PHE D 60 0.11 8.89 4.39
N GLU D 61 -0.86 8.15 4.91
CA GLU D 61 -1.65 8.62 6.04
C GLU D 61 -2.25 7.41 6.70
N TRP D 62 -1.89 7.20 7.97
CA TRP D 62 -2.37 6.08 8.76
C TRP D 62 -2.54 6.52 10.20
N LYS D 63 -3.37 5.79 10.94
CA LYS D 63 -3.62 6.08 12.35
C LYS D 63 -2.44 5.51 13.15
N ASN D 64 -2.14 4.23 12.92
CA ASN D 64 -1.05 3.57 13.63
C ASN D 64 0.33 4.14 13.29
N LYS D 65 0.92 4.85 14.24
CA LYS D 65 2.23 5.46 14.03
C LYS D 65 3.39 4.49 13.78
N ALA D 66 3.33 3.32 14.42
CA ALA D 66 4.38 2.32 14.29
C ALA D 66 4.54 1.85 12.86
N TYR D 67 3.42 1.67 12.18
CA TYR D 67 3.39 1.23 10.79
C TYR D 67 3.86 2.37 9.87
N MET D 68 3.41 3.59 10.19
CA MET D 68 3.80 4.76 9.43
C MET D 68 5.32 4.89 9.40
N ASP D 69 5.97 4.52 10.49
CA ASP D 69 7.44 4.59 10.57
C ASP D 69 8.08 3.45 9.78
N HIS D 70 7.50 2.27 9.86
CA HIS D 70 8.05 1.14 9.11
C HIS D 70 8.10 1.49 7.63
N VAL D 71 7.03 2.11 7.13
CA VAL D 71 6.95 2.49 5.72
C VAL D 71 7.96 3.57 5.36
N CYS D 72 8.00 4.64 6.16
CA CYS D 72 8.93 5.72 5.88
C CYS D 72 10.36 5.17 5.85
N LEU D 73 10.68 4.32 6.83
CA LEU D 73 12.02 3.75 6.92
C LEU D 73 12.30 2.90 5.68
N LEU D 74 11.25 2.33 5.10
CA LEU D 74 11.36 1.50 3.91
C LEU D 74 11.69 2.39 2.71
N TYR D 75 11.05 3.55 2.64
CA TYR D 75 11.29 4.50 1.54
C TYR D 75 12.28 5.56 1.98
N ASP D 76 13.08 5.23 2.98
CA ASP D 76 14.07 6.15 3.56
C ASP D 76 14.63 7.24 2.66
N GLN D 77 15.39 6.82 1.66
CA GLN D 77 16.03 7.75 0.74
C GLN D 77 15.05 8.69 0.05
N TRP D 78 13.78 8.29 -0.01
CA TRP D 78 12.75 9.07 -0.67
C TRP D 78 11.92 9.96 0.24
N VAL D 79 12.09 9.79 1.54
CA VAL D 79 11.32 10.56 2.49
C VAL D 79 12.22 11.49 3.31
N LEU D 80 12.13 12.79 3.03
CA LEU D 80 12.94 13.81 3.71
C LEU D 80 12.59 14.10 5.18
N SER D 81 11.30 14.13 5.52
CA SER D 81 10.88 14.45 6.89
C SER D 81 10.18 13.32 7.66
N PRO D 82 10.15 13.43 9.00
CA PRO D 82 9.50 12.39 9.80
C PRO D 82 8.02 12.63 9.58
N PRO D 83 7.16 11.70 10.04
CA PRO D 83 5.72 11.87 9.85
C PRO D 83 5.20 13.08 10.60
N HIS D 84 4.10 13.66 10.12
CA HIS D 84 3.51 14.80 10.80
C HIS D 84 2.20 14.40 11.44
N LYS D 85 2.04 14.74 12.70
CA LYS D 85 0.82 14.43 13.44
C LYS D 85 -0.30 15.31 12.90
N LYS D 86 -1.41 14.70 12.51
CA LYS D 86 -2.57 15.43 12.00
C LYS D 86 -3.73 15.25 12.97
N GLU D 87 -4.20 16.36 13.54
CA GLU D 87 -5.31 16.31 14.48
C GLU D 87 -6.46 17.13 13.94
N ARG D 88 -7.55 16.45 13.63
CA ARG D 88 -8.72 17.12 13.08
C ARG D 88 -9.97 16.85 13.90
N VAL D 89 -11.00 17.63 13.61
CA VAL D 89 -12.28 17.56 14.33
C VAL D 89 -13.36 17.21 13.35
N ASN D 90 -14.22 16.27 13.73
CA ASN D 90 -15.35 15.82 12.89
C ASN D 90 -16.49 16.75 12.89
N HIS D 91 -17.51 16.34 12.18
CA HIS D 91 -18.71 17.14 12.22
C HIS D 91 -19.40 16.93 13.58
N LEU D 92 -19.01 15.84 14.21
CA LEU D 92 -19.56 15.49 15.50
C LEU D 92 -18.91 16.33 16.62
N GLY D 93 -17.70 16.81 16.36
CA GLY D 93 -16.94 17.58 17.34
C GLY D 93 -15.90 16.70 18.00
N ASN D 94 -15.67 15.54 17.39
CA ASN D 94 -14.70 14.60 17.92
C ASN D 94 -13.31 14.91 17.38
N LEU D 95 -12.29 14.55 18.16
CA LEU D 95 -10.91 14.78 17.76
C LEU D 95 -10.27 13.50 17.21
N VAL D 96 -10.02 13.48 15.91
CA VAL D 96 -9.41 12.30 15.29
C VAL D 96 -7.93 12.57 14.99
N ILE D 97 -7.07 11.69 15.48
CA ILE D 97 -5.65 11.84 15.27
C ILE D 97 -5.07 10.82 14.29
N THR D 98 -4.22 11.32 13.39
CA THR D 98 -3.58 10.48 12.40
C THR D 98 -2.19 11.01 12.05
N TRP D 99 -1.38 10.22 11.38
CA TRP D 99 -0.04 10.67 11.01
C TRP D 99 0.09 10.79 9.49
N GLY D 100 0.72 11.87 9.05
CA GLY D 100 0.90 12.10 7.63
C GLY D 100 2.36 12.04 7.21
N ALA D 101 2.58 11.78 5.93
CA ALA D 101 3.94 11.71 5.41
C ALA D 101 3.87 11.47 3.91
N GLN D 102 4.99 11.69 3.23
CA GLN D 102 5.05 11.51 1.79
C GLN D 102 6.47 11.52 1.28
N THR D 103 6.65 11.02 0.08
CA THR D 103 7.97 11.04 -0.52
C THR D 103 7.95 12.22 -1.49
N PHE D 104 9.11 12.63 -1.98
CA PHE D 104 9.12 13.74 -2.93
C PHE D 104 8.80 13.10 -4.28
N LYS D 105 8.52 13.91 -5.30
CA LYS D 105 8.21 13.35 -6.61
C LYS D 105 9.51 13.00 -7.32
N HIS D 106 9.48 11.96 -8.14
CA HIS D 106 10.66 11.52 -8.85
C HIS D 106 10.23 10.52 -9.91
N GLN D 107 10.87 10.53 -11.07
CA GLN D 107 10.51 9.61 -12.13
C GLN D 107 10.66 8.15 -11.72
N ALA D 108 11.52 7.89 -10.73
CA ALA D 108 11.71 6.53 -10.26
C ALA D 108 10.41 5.91 -9.79
N PHE D 109 9.40 6.75 -9.58
CA PHE D 109 8.09 6.28 -9.12
C PHE D 109 7.15 5.95 -10.28
N ASN D 110 7.46 6.47 -11.46
CA ASN D 110 6.63 6.24 -12.64
C ASN D 110 6.43 4.76 -12.91
N LYS D 111 7.46 3.97 -12.63
CA LYS D 111 7.42 2.54 -12.83
C LYS D 111 6.23 1.90 -12.11
N LEU D 112 6.04 2.28 -10.85
CA LEU D 112 4.93 1.74 -10.06
C LEU D 112 3.59 2.26 -10.56
N ALA D 113 3.55 3.55 -10.87
CA ALA D 113 2.33 4.18 -11.31
C ALA D 113 1.78 3.58 -12.59
N ASN D 114 2.66 3.42 -13.58
CA ASN D 114 2.27 2.88 -14.87
C ASN D 114 1.73 1.46 -14.78
N LEU D 115 2.00 0.79 -13.66
CA LEU D 115 1.50 -0.56 -13.47
C LEU D 115 0.00 -0.52 -13.31
N PHE D 116 -0.50 0.64 -12.85
CA PHE D 116 -1.92 0.83 -12.62
C PHE D 116 -2.58 1.72 -13.69
N ILE D 117 -1.91 1.90 -14.83
CA ILE D 117 -2.44 2.71 -15.93
C ILE D 117 -2.66 1.90 -17.24
N VAL D 118 -3.87 1.96 -17.77
CA VAL D 118 -4.26 1.27 -19.03
C VAL D 118 -5.17 2.19 -19.88
N ASN D 119 -4.90 2.27 -21.18
CA ASN D 119 -5.73 3.12 -22.05
C ASN D 119 -5.86 4.52 -21.42
N ASN D 120 -4.78 4.94 -20.76
CA ASN D 120 -4.66 6.22 -20.06
C ASN D 120 -5.66 6.51 -18.92
N LYS D 121 -5.89 5.56 -18.04
CA LYS D 121 -6.77 5.82 -16.92
C LYS D 121 -6.38 4.87 -15.80
N LYS D 122 -6.34 5.39 -14.58
CA LYS D 122 -5.97 4.55 -13.45
C LYS D 122 -6.98 3.44 -13.41
N THR D 123 -6.50 2.23 -13.23
CA THR D 123 -7.36 1.09 -13.16
C THR D 123 -6.53 -0.08 -12.66
N ILE D 124 -7.17 -1.23 -12.55
CA ILE D 124 -6.50 -2.43 -12.11
C ILE D 124 -6.36 -3.37 -13.30
N PRO D 125 -5.17 -3.37 -13.93
CA PRO D 125 -4.91 -4.24 -15.09
C PRO D 125 -5.37 -5.65 -14.80
N ASN D 126 -5.73 -6.37 -15.87
CA ASN D 126 -6.19 -7.75 -15.75
C ASN D 126 -5.10 -8.65 -15.16
N ASN D 127 -3.87 -8.60 -15.66
CA ASN D 127 -2.85 -9.50 -15.10
C ASN D 127 -1.90 -8.91 -14.05
N LEU D 128 -2.34 -7.91 -13.29
CA LEU D 128 -1.47 -7.31 -12.30
C LEU D 128 -0.98 -8.35 -11.29
N VAL D 129 -1.90 -9.16 -10.78
CA VAL D 129 -1.54 -10.17 -9.82
C VAL D 129 -0.49 -11.12 -10.35
N GLU D 130 -0.86 -11.84 -11.41
CA GLU D 130 -0.01 -12.85 -12.04
C GLU D 130 1.40 -12.40 -12.35
N ASN D 131 1.53 -11.25 -12.99
CA ASN D 131 2.83 -10.75 -13.37
C ASN D 131 3.62 -9.89 -12.36
N TYR D 132 2.95 -9.30 -11.36
CA TYR D 132 3.70 -8.44 -10.45
C TYR D 132 3.53 -8.56 -8.94
N LEU D 133 2.38 -9.03 -8.47
CA LEU D 133 2.15 -9.13 -7.03
C LEU D 133 2.97 -10.25 -6.39
N THR D 134 3.93 -9.88 -5.56
CA THR D 134 4.76 -10.88 -4.89
C THR D 134 4.24 -11.05 -3.47
N PRO D 135 4.77 -12.03 -2.71
CA PRO D 135 4.33 -12.25 -1.33
C PRO D 135 4.53 -10.97 -0.52
N MET D 136 5.57 -10.21 -0.84
CA MET D 136 5.79 -8.95 -0.12
C MET D 136 4.65 -7.99 -0.44
N SER D 137 4.30 -7.87 -1.72
CA SER D 137 3.23 -6.98 -2.15
C SER D 137 1.95 -7.38 -1.43
N LEU D 138 1.70 -8.69 -1.36
CA LEU D 138 0.51 -9.22 -0.72
C LEU D 138 0.49 -8.92 0.77
N ALA D 139 1.67 -8.95 1.39
CA ALA D 139 1.75 -8.69 2.82
C ALA D 139 1.38 -7.26 3.11
N TYR D 140 1.83 -6.35 2.25
CA TYR D 140 1.52 -4.94 2.45
C TYR D 140 0.08 -4.58 2.11
N TRP D 141 -0.49 -5.30 1.16
CA TRP D 141 -1.87 -5.10 0.77
C TRP D 141 -2.69 -5.51 2.00
N PHE D 142 -2.28 -6.59 2.65
CA PHE D 142 -2.98 -7.05 3.84
C PHE D 142 -2.88 -6.08 5.03
N MET D 143 -1.68 -5.61 5.36
CA MET D 143 -1.55 -4.70 6.49
C MET D 143 -2.38 -3.43 6.27
N ASP D 144 -2.63 -3.12 5.01
CA ASP D 144 -3.42 -1.95 4.64
C ASP D 144 -4.91 -2.20 4.63
N ASP D 145 -5.37 -3.10 3.76
CA ASP D 145 -6.80 -3.38 3.65
C ASP D 145 -7.29 -4.70 4.22
N GLY D 146 -6.36 -5.51 4.69
CA GLY D 146 -6.72 -6.81 5.24
C GLY D 146 -7.46 -6.79 6.56
N GLY D 147 -8.05 -7.93 6.91
CA GLY D 147 -8.77 -8.05 8.16
C GLY D 147 -9.34 -9.44 8.34
N LYS D 148 -10.09 -9.66 9.42
CA LYS D 148 -10.70 -10.98 9.64
C LYS D 148 -12.08 -10.97 9.02
N TRP D 149 -12.63 -12.16 8.85
CA TRP D 149 -13.98 -12.27 8.33
C TRP D 149 -14.91 -12.25 9.53
N ASP D 150 -14.49 -12.94 10.58
CA ASP D 150 -15.27 -13.06 11.80
C ASP D 150 -14.62 -12.39 13.02
N TYR D 151 -15.15 -11.25 13.41
CA TYR D 151 -14.60 -10.54 14.56
C TYR D 151 -15.22 -10.91 15.92
N ASN D 152 -16.23 -11.77 15.91
CA ASN D 152 -16.90 -12.20 17.15
C ASN D 152 -15.90 -12.79 18.12
N LYS D 153 -16.14 -12.54 19.40
CA LYS D 153 -15.26 -13.04 20.45
C LYS D 153 -15.32 -14.56 20.51
N ASN D 154 -14.14 -15.17 20.67
CA ASN D 154 -14.02 -16.63 20.73
C ASN D 154 -14.42 -17.33 19.45
N SER D 155 -14.09 -16.74 18.30
CA SER D 155 -14.40 -17.35 17.01
C SER D 155 -13.27 -18.29 16.61
N THR D 156 -13.58 -19.26 15.74
CA THR D 156 -12.56 -20.21 15.29
C THR D 156 -12.40 -20.20 13.77
N ASN D 157 -13.14 -19.33 13.11
CA ASN D 157 -13.09 -19.19 11.65
C ASN D 157 -11.81 -18.46 11.25
N LYS D 158 -11.00 -19.10 10.42
CA LYS D 158 -9.74 -18.52 9.98
C LYS D 158 -9.85 -17.78 8.63
N SER D 159 -11.08 -17.46 8.20
CA SER D 159 -11.27 -16.78 6.93
C SER D 159 -10.77 -15.34 6.99
N ILE D 160 -10.10 -14.91 5.93
CA ILE D 160 -9.55 -13.56 5.84
C ILE D 160 -10.32 -12.71 4.83
N VAL D 161 -10.13 -11.40 4.92
CA VAL D 161 -10.79 -10.46 4.02
C VAL D 161 -9.86 -9.34 3.56
N LEU D 162 -10.10 -8.85 2.34
CA LEU D 162 -9.34 -7.74 1.80
C LEU D 162 -10.38 -6.75 1.34
N ASN D 163 -10.42 -5.58 1.99
CA ASN D 163 -11.39 -4.55 1.64
C ASN D 163 -10.99 -3.78 0.38
N THR D 164 -11.56 -4.22 -0.74
CA THR D 164 -11.33 -3.64 -2.05
C THR D 164 -12.53 -2.80 -2.45
N GLN D 165 -13.23 -2.24 -1.46
CA GLN D 165 -14.42 -1.45 -1.74
C GLN D 165 -14.31 -0.31 -2.74
N SER D 166 -13.11 0.25 -2.92
CA SER D 166 -12.94 1.37 -3.87
C SER D 166 -12.76 0.94 -5.31
N PHE D 167 -12.72 -0.37 -5.53
CA PHE D 167 -12.55 -0.91 -6.87
C PHE D 167 -13.90 -1.35 -7.40
N THR D 168 -13.98 -1.50 -8.71
CA THR D 168 -15.19 -1.97 -9.36
C THR D 168 -15.21 -3.49 -9.23
N PHE D 169 -16.38 -4.10 -9.36
CA PHE D 169 -16.48 -5.54 -9.24
C PHE D 169 -15.63 -6.24 -10.29
N GLU D 170 -15.58 -5.70 -11.48
CA GLU D 170 -14.79 -6.29 -12.55
C GLU D 170 -13.32 -6.32 -12.13
N GLU D 171 -12.86 -5.20 -11.58
CA GLU D 171 -11.47 -5.11 -11.16
C GLU D 171 -11.21 -6.17 -10.10
N VAL D 172 -12.08 -6.24 -9.10
CA VAL D 172 -11.89 -7.22 -8.06
C VAL D 172 -11.95 -8.64 -8.62
N GLU D 173 -12.86 -8.89 -9.56
CA GLU D 173 -12.94 -10.21 -10.18
C GLU D 173 -11.60 -10.61 -10.79
N TYR D 174 -10.90 -9.66 -11.41
CA TYR D 174 -9.59 -9.97 -11.97
C TYR D 174 -8.56 -10.19 -10.85
N LEU D 175 -8.64 -9.42 -9.77
CA LEU D 175 -7.72 -9.60 -8.65
C LEU D 175 -7.92 -10.99 -8.08
N VAL D 176 -9.18 -11.40 -7.94
CA VAL D 176 -9.48 -12.71 -7.41
C VAL D 176 -8.88 -13.81 -8.29
N LYS D 177 -9.09 -13.72 -9.60
CA LYS D 177 -8.55 -14.71 -10.54
C LYS D 177 -7.04 -14.87 -10.36
N GLY D 178 -6.35 -13.73 -10.28
CA GLY D 178 -4.91 -13.73 -10.10
C GLY D 178 -4.50 -14.43 -8.83
N LEU D 179 -5.17 -14.09 -7.73
CA LEU D 179 -4.87 -14.71 -6.45
C LEU D 179 -5.13 -16.22 -6.46
N ARG D 180 -6.20 -16.68 -7.10
CA ARG D 180 -6.45 -18.10 -7.15
C ARG D 180 -5.37 -18.84 -7.96
N ASN D 181 -5.11 -18.35 -9.16
CA ASN D 181 -4.14 -18.98 -10.05
C ASN D 181 -2.69 -18.92 -9.60
N LYS D 182 -2.24 -17.77 -9.11
CA LYS D 182 -0.86 -17.62 -8.70
C LYS D 182 -0.50 -18.17 -7.33
N PHE D 183 -1.39 -18.00 -6.36
CA PHE D 183 -1.11 -18.49 -5.00
C PHE D 183 -2.03 -19.62 -4.55
N GLN D 184 -2.80 -20.18 -5.49
CA GLN D 184 -3.70 -21.29 -5.20
C GLN D 184 -4.60 -20.97 -4.02
N LEU D 185 -4.97 -19.71 -3.86
CA LEU D 185 -5.83 -19.30 -2.75
C LEU D 185 -7.31 -19.52 -3.07
N ASN D 186 -8.02 -20.17 -2.15
CA ASN D 186 -9.44 -20.44 -2.30
C ASN D 186 -10.12 -19.15 -1.87
N CYS D 187 -10.45 -18.31 -2.85
CA CYS D 187 -11.09 -17.04 -2.53
C CYS D 187 -12.12 -16.66 -3.57
N TYR D 188 -13.00 -15.73 -3.22
CA TYR D 188 -14.01 -15.23 -4.12
C TYR D 188 -14.63 -13.94 -3.60
N VAL D 189 -15.08 -13.10 -4.53
CA VAL D 189 -15.70 -11.84 -4.21
C VAL D 189 -16.95 -11.99 -3.36
N LYS D 190 -17.19 -11.01 -2.49
CA LYS D 190 -18.36 -10.97 -1.62
C LYS D 190 -18.85 -9.53 -1.60
N ILE D 191 -20.02 -9.29 -1.03
CA ILE D 191 -20.55 -7.93 -0.96
C ILE D 191 -20.64 -7.35 0.43
N ASN D 192 -20.34 -6.06 0.53
CA ASN D 192 -20.40 -5.35 1.79
C ASN D 192 -20.70 -3.92 1.42
N LYS D 193 -21.85 -3.43 1.86
CA LYS D 193 -22.27 -2.07 1.55
C LYS D 193 -22.40 -1.95 0.03
N ASN D 194 -22.87 -3.02 -0.61
CA ASN D 194 -23.06 -3.06 -2.05
C ASN D 194 -21.76 -2.73 -2.77
N LYS D 195 -20.65 -3.21 -2.21
CA LYS D 195 -19.32 -2.98 -2.78
C LYS D 195 -18.45 -4.22 -2.64
N PRO D 196 -17.46 -4.37 -3.52
CA PRO D 196 -16.51 -5.47 -3.59
C PRO D 196 -15.50 -5.65 -2.46
N ILE D 197 -15.42 -6.86 -1.91
CA ILE D 197 -14.41 -7.17 -0.92
C ILE D 197 -13.93 -8.57 -1.31
N ILE D 198 -12.71 -8.91 -0.95
CA ILE D 198 -12.21 -10.24 -1.28
C ILE D 198 -12.32 -11.14 -0.07
N TYR D 199 -12.94 -12.29 -0.26
CA TYR D 199 -13.10 -13.25 0.81
C TYR D 199 -12.12 -14.39 0.57
N ILE D 200 -11.36 -14.77 1.60
CA ILE D 200 -10.40 -15.86 1.49
C ILE D 200 -10.77 -16.91 2.53
N ASP D 201 -11.31 -18.04 2.07
CA ASP D 201 -11.73 -19.10 2.97
C ASP D 201 -10.65 -19.58 3.95
N SER D 202 -11.05 -19.82 5.18
CA SER D 202 -10.15 -20.29 6.23
C SER D 202 -9.33 -21.48 5.76
N MET D 203 -9.86 -22.19 4.78
CA MET D 203 -9.21 -23.35 4.19
C MET D 203 -7.81 -23.02 3.70
N SER D 204 -7.60 -21.78 3.31
CA SER D 204 -6.29 -21.36 2.81
C SER D 204 -5.55 -20.41 3.74
N TYR D 205 -6.03 -20.26 4.97
CA TYR D 205 -5.38 -19.37 5.92
C TYR D 205 -3.87 -19.64 6.05
N LEU D 206 -3.51 -20.88 6.37
CA LEU D 206 -2.11 -21.26 6.56
C LEU D 206 -1.26 -20.92 5.36
N ILE D 207 -1.82 -21.08 4.16
CA ILE D 207 -1.09 -20.76 2.94
C ILE D 207 -0.87 -19.25 2.94
N PHE D 208 -1.97 -18.51 3.02
CA PHE D 208 -1.91 -17.05 3.03
C PHE D 208 -0.93 -16.54 4.08
N TYR D 209 -1.05 -17.04 5.29
CA TYR D 209 -0.18 -16.63 6.40
C TYR D 209 1.31 -16.80 6.13
N ASN D 210 1.71 -17.97 5.62
CA ASN D 210 3.12 -18.22 5.37
C ASN D 210 3.68 -17.36 4.25
N LEU D 211 2.81 -16.94 3.34
CA LEU D 211 3.22 -16.08 2.24
C LEU D 211 3.65 -14.71 2.76
N ILE D 212 2.84 -14.12 3.62
CA ILE D 212 3.12 -12.79 4.16
C ILE D 212 3.84 -12.69 5.50
N LYS D 213 3.92 -13.80 6.24
CA LYS D 213 4.57 -13.78 7.56
C LYS D 213 5.94 -13.11 7.60
N PRO D 214 6.77 -13.30 6.56
CA PRO D 214 8.09 -12.66 6.60
C PRO D 214 8.07 -11.14 6.60
N TYR D 215 6.92 -10.54 6.30
CA TYR D 215 6.88 -9.09 6.22
C TYR D 215 5.99 -8.36 7.22
N LEU D 216 5.07 -9.04 7.87
CA LEU D 216 4.22 -8.32 8.80
C LEU D 216 4.96 -7.94 10.08
N ILE D 217 4.55 -6.84 10.67
CA ILE D 217 5.16 -6.34 11.90
C ILE D 217 4.27 -6.65 13.10
N PRO D 218 4.87 -6.70 14.29
CA PRO D 218 4.14 -6.98 15.52
C PRO D 218 2.79 -6.27 15.64
N GLN D 219 2.81 -4.95 15.54
CA GLN D 219 1.59 -4.14 15.68
C GLN D 219 0.59 -4.26 14.53
N MET D 220 0.64 -5.36 13.80
CA MET D 220 -0.27 -5.60 12.70
C MET D 220 -0.78 -7.03 12.77
N MET D 221 -0.16 -7.80 13.65
CA MET D 221 -0.50 -9.20 13.88
C MET D 221 -1.92 -9.39 14.42
N TYR D 222 -2.51 -8.31 14.94
CA TYR D 222 -3.85 -8.35 15.52
C TYR D 222 -4.91 -8.52 14.45
N LYS D 223 -4.51 -8.32 13.20
CA LYS D 223 -5.41 -8.46 12.07
C LYS D 223 -5.64 -9.93 11.71
N LEU D 224 -4.74 -10.80 12.17
CA LEU D 224 -4.85 -12.24 11.90
C LEU D 224 -5.68 -12.96 12.94
N PRO D 225 -6.43 -13.98 12.53
CA PRO D 225 -7.28 -14.78 13.42
C PRO D 225 -6.50 -15.42 14.58
#